data_8YUF
#
_entry.id   8YUF
#
_cell.length_a   43.774
_cell.length_b   43.772
_cell.length_c   163.302
_cell.angle_alpha   90.000
_cell.angle_beta   90.000
_cell.angle_gamma   90.000
#
_symmetry.space_group_name_H-M   'P 21 21 21'
#
loop_
_entity.id
_entity.type
_entity.pdbx_description
1 polymer Nucleotidyltransferase
2 non-polymer 'MAGNESIUM ION'
3 water water
#
_entity_poly.entity_id   1
_entity_poly.type   'polypeptide(L)'
_entity_poly.pdbx_seq_one_letter_code
;MTNIDVRWQQRLNNYARALQQLSLAVNLAQTRPLSDLEKQGLIQAFEFTHELAWNVMKDYFFFAGNSAITGSRDATRESF
NKGLIKEGEIWMEMIKSRNQTSHTYNQSVADEIVKNIINFYHTSFQAFLEKMQGLKEHE
;
_entity_poly.pdbx_strand_id   A,B
#
# COMPACT_ATOMS: atom_id res chain seq x y z
N VAL A 6 14.42 13.14 -12.69
CA VAL A 6 15.26 13.90 -13.58
C VAL A 6 14.96 13.51 -15.03
N ARG A 7 14.17 12.45 -15.23
CA ARG A 7 13.80 11.99 -16.58
C ARG A 7 12.32 11.63 -16.58
N TRP A 8 11.47 12.60 -16.95
CA TRP A 8 10.03 12.39 -16.80
C TRP A 8 9.50 11.40 -17.85
N GLN A 9 10.15 11.31 -19.00
CA GLN A 9 9.74 10.35 -20.02
C GLN A 9 10.04 8.91 -19.60
N GLN A 10 11.14 8.69 -18.87
CA GLN A 10 11.38 7.37 -18.31
C GLN A 10 10.36 7.02 -17.26
N ARG A 11 10.07 7.96 -16.36
CA ARG A 11 9.03 7.74 -15.37
C ARG A 11 7.73 7.38 -16.07
N LEU A 12 7.44 8.02 -17.19
CA LEU A 12 6.20 7.76 -17.92
C LEU A 12 6.14 6.34 -18.48
N ASN A 13 7.28 5.78 -18.89
CA ASN A 13 7.31 4.39 -19.33
C ASN A 13 6.86 3.44 -18.23
N ASN A 14 7.35 3.64 -17.01
CA ASN A 14 6.95 2.76 -15.92
C ASN A 14 5.49 3.00 -15.57
N TYR A 15 5.05 4.27 -15.60
CA TYR A 15 3.64 4.56 -15.35
C TYR A 15 2.73 3.80 -16.31
N ALA A 16 3.08 3.76 -17.59
CA ALA A 16 2.30 2.97 -18.54
C ALA A 16 2.30 1.50 -18.21
N ARG A 17 3.44 0.94 -17.79
CA ARG A 17 3.52 -0.48 -17.42
C ARG A 17 2.63 -0.77 -16.22
N ALA A 18 2.67 0.11 -15.21
CA ALA A 18 1.83 -0.08 -14.04
C ALA A 18 0.35 0.01 -14.39
N LEU A 19 -0.01 1.03 -15.17
CA LEU A 19 -1.40 1.19 -15.58
C LEU A 19 -1.89 -0.02 -16.35
N GLN A 20 -1.05 -0.63 -17.20
CA GLN A 20 -1.46 -1.82 -17.92
C GLN A 20 -1.89 -2.93 -16.96
N GLN A 21 -1.19 -3.08 -15.83
CA GLN A 21 -1.57 -4.08 -14.84
C GLN A 21 -2.88 -3.71 -14.16
N LEU A 22 -3.05 -2.44 -13.81
CA LEU A 22 -4.33 -2.02 -13.26
C LEU A 22 -5.48 -2.24 -14.24
N SER A 23 -5.24 -1.96 -15.53
CA SER A 23 -6.29 -2.13 -16.53
C SER A 23 -6.75 -3.57 -16.60
N LEU A 24 -5.83 -4.51 -16.50
CA LEU A 24 -6.22 -5.92 -16.51
C LEU A 24 -7.23 -6.22 -15.41
N ALA A 25 -7.03 -5.66 -14.20
CA ALA A 25 -7.92 -5.94 -13.08
C ALA A 25 -9.25 -5.23 -13.26
N VAL A 26 -9.23 -4.02 -13.83
CA VAL A 26 -10.46 -3.28 -14.03
C VAL A 26 -11.32 -3.99 -15.06
N ASN A 27 -10.71 -4.54 -16.11
CA ASN A 27 -11.50 -5.29 -17.09
C ASN A 27 -12.00 -6.61 -16.50
N LEU A 28 -11.18 -7.28 -15.68
CA LEU A 28 -11.63 -8.50 -15.01
C LEU A 28 -12.90 -8.22 -14.22
N ALA A 29 -12.96 -7.06 -13.57
CA ALA A 29 -14.13 -6.73 -12.76
C ALA A 29 -15.41 -6.60 -13.59
N GLN A 30 -15.28 -6.40 -14.91
CA GLN A 30 -16.45 -6.37 -15.76
C GLN A 30 -16.97 -7.75 -16.11
N THR A 31 -16.15 -8.79 -16.00
CA THR A 31 -16.56 -10.15 -16.30
C THR A 31 -17.17 -10.88 -15.10
N ARG A 32 -16.84 -10.50 -13.88
CA ARG A 32 -17.40 -11.14 -12.70
C ARG A 32 -17.07 -10.27 -11.48
N PRO A 33 -17.76 -10.47 -10.37
CA PRO A 33 -17.36 -9.82 -9.14
C PRO A 33 -15.96 -10.23 -8.71
N LEU A 34 -15.23 -9.28 -8.13
CA LEU A 34 -13.93 -9.58 -7.55
C LEU A 34 -14.10 -10.18 -6.15
N SER A 35 -13.25 -11.17 -5.83
CA SER A 35 -13.16 -11.62 -4.45
C SER A 35 -12.60 -10.52 -3.53
N ASP A 36 -12.76 -10.75 -2.22
CA ASP A 36 -12.20 -9.80 -1.26
C ASP A 36 -10.71 -9.65 -1.48
N LEU A 37 -10.03 -10.75 -1.76
CA LEU A 37 -8.58 -10.63 -1.95
C LEU A 37 -8.22 -9.86 -3.23
N GLU A 38 -8.97 -10.13 -4.29
CA GLU A 38 -8.75 -9.43 -5.53
C GLU A 38 -9.03 -7.95 -5.38
N LYS A 39 -10.02 -7.58 -4.56
CA LYS A 39 -10.27 -6.17 -4.27
C LYS A 39 -9.04 -5.52 -3.64
N GLN A 40 -8.40 -6.24 -2.71
CA GLN A 40 -7.17 -5.74 -2.13
C GLN A 40 -6.11 -5.58 -3.19
N GLY A 41 -6.06 -6.50 -4.15
CA GLY A 41 -5.05 -6.41 -5.20
C GLY A 41 -5.33 -5.26 -6.16
N LEU A 42 -6.61 -4.99 -6.40
CA LEU A 42 -6.97 -3.83 -7.21
C LEU A 42 -6.53 -2.55 -6.53
N ILE A 43 -6.68 -2.47 -5.19
CA ILE A 43 -6.25 -1.28 -4.46
C ILE A 43 -4.73 -1.11 -4.53
N GLN A 44 -3.97 -2.20 -4.33
CA GLN A 44 -2.52 -2.16 -4.47
C GLN A 44 -2.10 -1.68 -5.86
N ALA A 45 -2.75 -2.18 -6.92
CA ALA A 45 -2.44 -1.68 -8.28
C ALA A 45 -2.78 -0.20 -8.45
N PHE A 46 -3.90 0.25 -7.88
CA PHE A 46 -4.18 1.68 -7.88
C PHE A 46 -3.06 2.44 -7.20
N GLU A 47 -2.56 1.91 -6.09
CA GLU A 47 -1.52 2.62 -5.35
C GLU A 47 -0.24 2.76 -6.17
N PHE A 48 0.17 1.70 -6.87
CA PHE A 48 1.46 1.84 -7.55
C PHE A 48 1.29 2.65 -8.83
N THR A 49 0.05 2.70 -9.35
CA THR A 49 -0.23 3.52 -10.54
C THR A 49 -0.29 4.99 -10.20
N HIS A 50 -0.98 5.35 -9.12
CA HIS A 50 -1.07 6.73 -8.70
C HIS A 50 0.29 7.26 -8.28
N GLU A 51 1.07 6.45 -7.56
CA GLU A 51 2.38 6.90 -7.15
C GLU A 51 3.24 7.30 -8.35
N LEU A 52 3.22 6.49 -9.39
CA LEU A 52 3.95 6.87 -10.60
C LEU A 52 3.33 8.10 -11.24
N ALA A 53 2.01 8.19 -11.27
CA ALA A 53 1.38 9.31 -11.94
C ALA A 53 1.88 10.64 -11.42
N TRP A 54 1.81 10.84 -10.09
CA TRP A 54 2.17 12.15 -9.55
C TRP A 54 3.68 12.38 -9.58
N ASN A 55 4.47 11.33 -9.59
CA ASN A 55 5.90 11.52 -9.80
C ASN A 55 6.22 11.89 -11.23
N VAL A 56 5.42 11.45 -12.21
CA VAL A 56 5.58 11.97 -13.56
C VAL A 56 5.34 13.46 -13.56
N MET A 57 4.28 13.91 -12.87
CA MET A 57 3.96 15.32 -12.76
C MET A 57 5.13 16.09 -12.17
N LYS A 58 5.61 15.63 -11.02
CA LYS A 58 6.74 16.28 -10.35
C LYS A 58 7.96 16.34 -11.27
N ASP A 59 8.28 15.23 -11.96
CA ASP A 59 9.43 15.23 -12.87
C ASP A 59 9.25 16.24 -13.99
N TYR A 60 8.03 16.27 -14.56
CA TYR A 60 7.75 17.14 -15.70
C TYR A 60 7.94 18.60 -15.31
N PHE A 61 7.38 19.01 -14.16
CA PHE A 61 7.50 20.42 -13.78
C PHE A 61 8.90 20.79 -13.30
N PHE A 62 9.69 19.83 -12.86
CA PHE A 62 11.10 20.07 -12.58
C PHE A 62 11.82 20.58 -13.82
N PHE A 63 11.46 20.05 -14.99
CA PHE A 63 12.07 20.53 -16.23
C PHE A 63 11.73 21.99 -16.47
N ALA A 64 10.56 22.42 -15.98
CA ALA A 64 10.14 23.81 -16.12
C ALA A 64 10.78 24.73 -15.10
N GLY A 65 11.63 24.21 -14.23
CA GLY A 65 12.22 25.02 -13.19
C GLY A 65 11.46 25.00 -11.88
N ASN A 66 10.42 24.20 -11.76
CA ASN A 66 9.67 24.15 -10.51
C ASN A 66 10.28 23.06 -9.65
N SER A 67 10.99 23.45 -8.60
CA SER A 67 11.53 22.53 -7.61
C SER A 67 10.79 22.59 -6.28
N ALA A 68 9.64 23.23 -6.25
CA ALA A 68 8.89 23.38 -5.00
C ALA A 68 8.00 22.18 -4.71
N ILE A 69 7.67 21.38 -5.72
CA ILE A 69 6.76 20.25 -5.53
C ILE A 69 7.43 19.19 -4.69
N THR A 70 6.77 18.75 -3.62
CA THR A 70 7.31 17.71 -2.75
C THR A 70 6.44 16.47 -2.63
N GLY A 71 5.15 16.58 -2.77
CA GLY A 71 4.25 15.46 -2.59
C GLY A 71 3.15 15.42 -3.61
N SER A 72 2.21 14.50 -3.43
CA SER A 72 1.19 14.26 -4.43
C SER A 72 0.17 15.39 -4.51
N ARG A 73 -0.14 16.03 -3.37
CA ARG A 73 -1.03 17.20 -3.42
C ARG A 73 -0.40 18.35 -4.20
N ASP A 74 0.87 18.65 -3.91
CA ASP A 74 1.59 19.68 -4.64
C ASP A 74 1.56 19.39 -6.14
N ALA A 75 1.92 18.17 -6.53
CA ALA A 75 1.97 17.81 -7.93
C ALA A 75 0.59 17.90 -8.57
N THR A 76 -0.44 17.45 -7.85
CA THR A 76 -1.78 17.44 -8.42
C THR A 76 -2.29 18.85 -8.66
N ARG A 77 -2.06 19.77 -7.72
CA ARG A 77 -2.51 21.14 -7.92
C ARG A 77 -1.81 21.77 -9.13
N GLU A 78 -0.49 21.61 -9.21
CA GLU A 78 0.22 22.20 -10.34
C GLU A 78 -0.26 21.60 -11.64
N SER A 79 -0.53 20.29 -11.68
CA SER A 79 -1.01 19.67 -12.91
C SER A 79 -2.36 20.22 -13.33
N PHE A 80 -3.28 20.38 -12.38
CA PHE A 80 -4.55 21.05 -12.68
C PHE A 80 -4.33 22.48 -13.17
N ASN A 81 -3.42 23.21 -12.53
CA ASN A 81 -3.20 24.60 -12.92
C ASN A 81 -2.70 24.72 -14.36
N LYS A 82 -1.98 23.71 -14.85
CA LYS A 82 -1.32 23.79 -16.15
C LYS A 82 -2.06 22.99 -17.21
N GLY A 83 -3.18 22.36 -16.88
CA GLY A 83 -3.96 21.64 -17.85
C GLY A 83 -3.54 20.21 -18.12
N LEU A 84 -2.62 19.67 -17.33
CA LEU A 84 -2.25 18.27 -17.51
C LEU A 84 -3.38 17.33 -17.11
N ILE A 85 -4.24 17.76 -16.18
CA ILE A 85 -5.41 17.02 -15.74
C ILE A 85 -6.58 18.00 -15.70
N LYS A 86 -7.78 17.48 -15.90
CA LYS A 86 -9.00 18.30 -15.86
C LYS A 86 -9.92 17.96 -14.70
N GLU A 87 -9.91 16.74 -14.22
CA GLU A 87 -10.75 16.34 -13.10
C GLU A 87 -10.00 16.53 -11.78
N GLY A 88 -9.89 17.80 -11.38
CA GLY A 88 -9.11 18.14 -10.19
C GLY A 88 -9.62 17.46 -8.94
N GLU A 89 -10.93 17.54 -8.72
CA GLU A 89 -11.54 16.90 -7.55
C GLU A 89 -11.33 15.38 -7.55
N ILE A 90 -11.41 14.74 -8.70
CA ILE A 90 -11.16 13.29 -8.72
C ILE A 90 -9.71 12.99 -8.35
N TRP A 91 -8.76 13.71 -8.94
CA TRP A 91 -7.37 13.45 -8.60
C TRP A 91 -7.07 13.72 -7.12
N MET A 92 -7.75 14.67 -6.51
CA MET A 92 -7.54 14.88 -5.08
C MET A 92 -8.17 13.75 -4.27
N GLU A 93 -9.30 13.21 -4.76
CA GLU A 93 -9.92 12.08 -4.08
C GLU A 93 -8.99 10.87 -4.07
N MET A 94 -8.21 10.68 -5.13
CA MET A 94 -7.23 9.60 -5.16
C MET A 94 -6.28 9.71 -3.96
N ILE A 95 -5.92 10.93 -3.56
CA ILE A 95 -5.01 11.12 -2.43
C ILE A 95 -5.69 10.69 -1.14
N LYS A 96 -6.97 11.01 -0.98
CA LYS A 96 -7.72 10.51 0.17
C LYS A 96 -7.78 8.98 0.17
N SER A 97 -7.98 8.39 -1.01
CA SER A 97 -7.96 6.93 -1.09
C SER A 97 -6.61 6.37 -0.65
N ARG A 98 -5.52 7.00 -1.09
CA ARG A 98 -4.20 6.54 -0.68
C ARG A 98 -4.10 6.56 0.83
N ASN A 99 -4.68 7.57 1.45
CA ASN A 99 -4.52 7.75 2.88
C ASN A 99 -5.42 6.82 3.66
N GLN A 100 -6.35 6.12 3.00
CA GLN A 100 -7.17 5.08 3.60
C GLN A 100 -6.56 3.68 3.51
N THR A 101 -5.35 3.56 2.96
CA THR A 101 -4.81 2.25 2.64
C THR A 101 -4.69 1.36 3.88
N SER A 102 -4.35 1.95 5.03
CA SER A 102 -4.13 1.14 6.23
C SER A 102 -5.43 0.54 6.76
N HIS A 103 -6.58 1.02 6.30
CA HIS A 103 -7.87 0.62 6.85
C HIS A 103 -8.70 -0.29 5.94
N THR A 104 -8.11 -0.79 4.85
CA THR A 104 -8.87 -1.58 3.88
C THR A 104 -9.20 -2.99 4.36
N TYR A 105 -8.81 -3.40 5.57
CA TYR A 105 -9.33 -4.63 6.15
C TYR A 105 -10.78 -4.46 6.59
N ASN A 106 -11.28 -3.23 6.63
CA ASN A 106 -12.69 -2.98 6.77
C ASN A 106 -13.29 -3.05 5.38
N GLN A 107 -14.24 -3.96 5.16
CA GLN A 107 -14.77 -4.14 3.82
C GLN A 107 -15.43 -2.88 3.29
N SER A 108 -16.02 -2.05 4.16
CA SER A 108 -16.66 -0.81 3.68
C SER A 108 -15.62 0.13 3.04
N VAL A 109 -14.42 0.17 3.61
CA VAL A 109 -13.36 1.02 3.10
C VAL A 109 -12.84 0.46 1.79
N ALA A 110 -12.58 -0.84 1.76
CA ALA A 110 -12.10 -1.45 0.53
C ALA A 110 -13.11 -1.24 -0.60
N ASP A 111 -14.40 -1.51 -0.32
CA ASP A 111 -15.42 -1.38 -1.37
C ASP A 111 -15.51 0.06 -1.92
N GLU A 112 -15.34 1.08 -1.05
CA GLU A 112 -15.44 2.47 -1.49
C GLU A 112 -14.29 2.83 -2.43
N ILE A 113 -13.07 2.43 -2.07
CA ILE A 113 -11.90 2.71 -2.91
C ILE A 113 -12.04 1.96 -4.23
N VAL A 114 -12.43 0.68 -4.19
CA VAL A 114 -12.64 -0.10 -5.42
C VAL A 114 -13.65 0.58 -6.35
N LYS A 115 -14.79 1.03 -5.80
CA LYS A 115 -15.78 1.69 -6.65
C LYS A 115 -15.22 2.95 -7.30
N ASN A 116 -14.43 3.73 -6.56
CA ASN A 116 -13.79 4.92 -7.12
C ASN A 116 -12.78 4.55 -8.19
N ILE A 117 -12.06 3.44 -8.01
CA ILE A 117 -11.06 3.02 -8.99
C ILE A 117 -11.74 2.65 -10.29
N ILE A 118 -12.83 1.88 -10.20
CA ILE A 118 -13.47 1.37 -11.40
C ILE A 118 -14.23 2.48 -12.11
N ASN A 119 -14.93 3.32 -11.34
CA ASN A 119 -15.87 4.27 -11.93
C ASN A 119 -15.25 5.59 -12.30
N PHE A 120 -14.10 5.94 -11.74
CA PHE A 120 -13.50 7.24 -11.97
C PHE A 120 -11.98 7.19 -12.21
N TYR A 121 -11.22 6.50 -11.35
CA TYR A 121 -9.77 6.73 -11.37
C TYR A 121 -9.15 6.17 -12.65
N HIS A 122 -9.62 5.01 -13.10
CA HIS A 122 -8.98 4.36 -14.24
C HIS A 122 -9.16 5.24 -15.47
N THR A 123 -10.35 5.80 -15.68
CA THR A 123 -10.54 6.75 -16.78
C THR A 123 -9.58 7.93 -16.69
N SER A 124 -9.44 8.48 -15.50
CA SER A 124 -8.55 9.62 -15.34
C SER A 124 -7.11 9.23 -15.62
N PHE A 125 -6.68 8.03 -15.14
CA PHE A 125 -5.32 7.57 -15.43
C PHE A 125 -5.07 7.50 -16.94
N GLN A 126 -6.03 6.94 -17.69
CA GLN A 126 -5.85 6.80 -19.13
C GLN A 126 -5.75 8.14 -19.81
N ALA A 127 -6.57 9.12 -19.39
CA ALA A 127 -6.49 10.46 -19.96
C ALA A 127 -5.11 11.09 -19.70
N PHE A 128 -4.63 11.00 -18.47
CA PHE A 128 -3.32 11.54 -18.17
C PHE A 128 -2.23 10.87 -19.01
N LEU A 129 -2.32 9.55 -19.18
CA LEU A 129 -1.34 8.88 -20.05
C LEU A 129 -1.34 9.50 -21.44
N GLU A 130 -2.51 9.63 -22.05
CA GLU A 130 -2.59 10.19 -23.40
C GLU A 130 -2.08 11.62 -23.43
N LYS A 131 -2.38 12.41 -22.39
CA LYS A 131 -1.91 13.80 -22.34
C LYS A 131 -0.38 13.86 -22.34
N MET A 132 0.26 13.06 -21.46
CA MET A 132 1.72 13.11 -21.38
C MET A 132 2.36 12.48 -22.62
N GLN A 133 1.74 11.42 -23.16
CA GLN A 133 2.26 10.79 -24.38
C GLN A 133 2.26 11.77 -25.54
N GLY A 134 1.27 12.66 -25.60
CA GLY A 134 1.29 13.72 -26.59
C GLY A 134 2.36 14.76 -26.34
N LEU A 135 2.72 14.98 -25.08
CA LEU A 135 3.76 15.96 -24.76
C LEU A 135 5.16 15.40 -24.96
N LYS A 136 5.33 14.07 -24.92
CA LYS A 136 6.64 13.48 -25.17
C LYS A 136 7.06 13.69 -26.61
N GLU A 137 6.11 13.60 -27.55
CA GLU A 137 6.43 13.85 -28.95
C GLU A 137 6.73 15.32 -29.21
N HIS A 138 6.32 16.22 -28.31
CA HIS A 138 6.59 17.64 -28.44
C HIS A 138 5.79 18.22 -29.60
N ASP B 5 -6.89 8.17 25.13
CA ASP B 5 -5.97 8.63 24.08
C ASP B 5 -5.25 7.45 23.45
N VAL B 6 -4.07 7.11 23.99
CA VAL B 6 -3.31 5.95 23.50
C VAL B 6 -3.84 4.69 24.19
N ARG B 7 -4.28 3.69 23.40
CA ARG B 7 -4.84 2.46 23.96
C ARG B 7 -4.32 1.26 23.17
N TRP B 8 -3.24 0.64 23.67
CA TRP B 8 -2.60 -0.40 22.89
C TRP B 8 -3.46 -1.65 22.76
N GLN B 9 -4.36 -1.92 23.72
CA GLN B 9 -5.19 -3.10 23.63
C GLN B 9 -6.28 -2.94 22.55
N GLN B 10 -6.77 -1.73 22.34
CA GLN B 10 -7.70 -1.50 21.23
C GLN B 10 -7.00 -1.67 19.89
N ARG B 11 -5.80 -1.09 19.76
CA ARG B 11 -5.02 -1.29 18.55
C ARG B 11 -4.80 -2.79 18.31
N LEU B 12 -4.58 -3.56 19.36
CA LEU B 12 -4.39 -5.00 19.22
C LEU B 12 -5.65 -5.67 18.66
N ASN B 13 -6.82 -5.19 19.04
CA ASN B 13 -8.06 -5.75 18.49
C ASN B 13 -8.11 -5.60 16.97
N ASN B 14 -7.72 -4.43 16.45
CA ASN B 14 -7.74 -4.23 15.01
C ASN B 14 -6.63 -5.04 14.36
N TYR B 15 -5.47 -5.11 15.00
CA TYR B 15 -4.41 -5.96 14.49
C TYR B 15 -4.90 -7.40 14.30
N ALA B 16 -5.58 -7.96 15.30
CA ALA B 16 -6.11 -9.31 15.16
C ALA B 16 -7.06 -9.42 13.98
N ARG B 17 -7.95 -8.43 13.81
CA ARG B 17 -8.91 -8.46 12.69
C ARG B 17 -8.18 -8.42 11.34
N ALA B 18 -7.13 -7.62 11.24
CA ALA B 18 -6.38 -7.51 10.00
C ALA B 18 -5.62 -8.79 9.74
N LEU B 19 -4.96 -9.32 10.76
CA LEU B 19 -4.24 -10.57 10.59
C LEU B 19 -5.17 -11.69 10.16
N GLN B 20 -6.42 -11.71 10.63
CA GLN B 20 -7.32 -12.80 10.27
C GLN B 20 -7.58 -12.80 8.77
N GLN B 21 -7.65 -11.60 8.17
CA GLN B 21 -7.82 -11.52 6.73
C GLN B 21 -6.54 -11.93 6.00
N LEU B 22 -5.38 -11.56 6.52
CA LEU B 22 -4.15 -12.04 5.91
C LEU B 22 -4.08 -13.56 5.97
N SER B 23 -4.49 -14.17 7.09
CA SER B 23 -4.46 -15.61 7.23
C SER B 23 -5.32 -16.30 6.19
N LEU B 24 -6.48 -15.71 5.87
CA LEU B 24 -7.32 -16.28 4.83
C LEU B 24 -6.57 -16.43 3.52
N ALA B 25 -5.84 -15.38 3.13
CA ALA B 25 -5.11 -15.40 1.87
C ALA B 25 -3.94 -16.35 1.93
N VAL B 26 -3.27 -16.43 3.09
CA VAL B 26 -2.12 -17.32 3.23
C VAL B 26 -2.57 -18.77 3.15
N ASN B 27 -3.71 -19.09 3.77
CA ASN B 27 -4.30 -20.42 3.64
C ASN B 27 -4.72 -20.71 2.20
N LEU B 28 -5.32 -19.71 1.52
CA LEU B 28 -5.72 -19.92 0.12
C LEU B 28 -4.53 -20.35 -0.74
N ALA B 29 -3.37 -19.75 -0.51
CA ALA B 29 -2.19 -20.07 -1.28
C ALA B 29 -1.74 -21.51 -1.10
N GLN B 30 -2.13 -22.16 0.00
CA GLN B 30 -1.79 -23.55 0.20
C GLN B 30 -2.67 -24.47 -0.64
N THR B 31 -3.82 -24.01 -1.11
CA THR B 31 -4.69 -24.85 -1.92
C THR B 31 -4.48 -24.69 -3.42
N ARG B 32 -3.89 -23.59 -3.87
CA ARG B 32 -3.68 -23.36 -5.29
C ARG B 32 -2.78 -22.16 -5.47
N PRO B 33 -2.14 -22.02 -6.63
CA PRO B 33 -1.37 -20.81 -6.90
C PRO B 33 -2.26 -19.58 -6.92
N LEU B 34 -1.72 -18.47 -6.41
CA LEU B 34 -2.41 -17.19 -6.47
C LEU B 34 -2.18 -16.53 -7.83
N SER B 35 -3.24 -15.96 -8.37
CA SER B 35 -3.11 -15.12 -9.56
C SER B 35 -2.24 -13.91 -9.25
N ASP B 36 -1.77 -13.24 -10.31
CA ASP B 36 -1.02 -12.01 -10.12
C ASP B 36 -1.82 -11.01 -9.31
N LEU B 37 -3.12 -10.91 -9.57
CA LEU B 37 -3.93 -9.93 -8.84
C LEU B 37 -4.09 -10.34 -7.39
N GLU B 38 -4.32 -11.62 -7.14
CA GLU B 38 -4.34 -12.08 -5.75
C GLU B 38 -3.01 -11.85 -5.02
N LYS B 39 -1.87 -11.95 -5.71
CA LYS B 39 -0.59 -11.65 -5.07
C LYS B 39 -0.53 -10.20 -4.62
N GLN B 40 -0.99 -9.27 -5.48
CA GLN B 40 -1.07 -7.87 -5.09
C GLN B 40 -1.94 -7.71 -3.87
N GLY B 41 -3.05 -8.45 -3.79
CA GLY B 41 -3.90 -8.39 -2.61
C GLY B 41 -3.24 -8.96 -1.35
N LEU B 42 -2.44 -10.01 -1.49
CA LEU B 42 -1.71 -10.56 -0.36
C LEU B 42 -0.71 -9.54 0.17
N ILE B 43 -0.06 -8.81 -0.75
CA ILE B 43 0.84 -7.75 -0.35
C ILE B 43 0.09 -6.67 0.40
N GLN B 44 -1.08 -6.21 -0.14
CA GLN B 44 -1.88 -5.17 0.52
C GLN B 44 -2.28 -5.60 1.94
N ALA B 45 -2.63 -6.88 2.11
CA ALA B 45 -2.99 -7.39 3.44
C ALA B 45 -1.80 -7.45 4.38
N PHE B 46 -0.63 -7.81 3.87
CA PHE B 46 0.60 -7.70 4.64
C PHE B 46 0.83 -6.27 5.07
N GLU B 47 0.57 -5.31 4.17
CA GLU B 47 0.81 -3.92 4.51
C GLU B 47 -0.10 -3.41 5.62
N PHE B 48 -1.38 -3.78 5.60
CA PHE B 48 -2.22 -3.24 6.66
C PHE B 48 -2.03 -4.01 7.96
N THR B 49 -1.54 -5.26 7.88
CA THR B 49 -1.26 -6.04 9.08
C THR B 49 0.00 -5.58 9.76
N HIS B 50 1.05 -5.31 8.98
CA HIS B 50 2.31 -4.83 9.52
C HIS B 50 2.15 -3.44 10.12
N GLU B 51 1.44 -2.55 9.43
CA GLU B 51 1.19 -1.21 9.94
C GLU B 51 0.55 -1.27 11.32
N LEU B 52 -0.44 -2.14 11.50
CA LEU B 52 -1.03 -2.25 12.83
C LEU B 52 -0.04 -2.85 13.83
N ALA B 53 0.75 -3.85 13.43
CA ALA B 53 1.69 -4.47 14.36
C ALA B 53 2.63 -3.45 14.98
N TRP B 54 3.33 -2.65 14.17
CA TRP B 54 4.30 -1.75 14.79
C TRP B 54 3.63 -0.58 15.53
N ASN B 55 2.39 -0.22 15.18
CA ASN B 55 1.68 0.76 15.99
C ASN B 55 1.22 0.18 17.33
N VAL B 56 0.92 -1.12 17.40
CA VAL B 56 0.71 -1.76 18.69
C VAL B 56 1.97 -1.64 19.52
N MET B 57 3.12 -1.94 18.90
CA MET B 57 4.41 -1.77 19.58
C MET B 57 4.57 -0.36 20.12
N LYS B 58 4.41 0.66 19.26
CA LYS B 58 4.56 2.04 19.68
C LYS B 58 3.61 2.38 20.83
N ASP B 59 2.36 1.95 20.71
CA ASP B 59 1.40 2.25 21.76
C ASP B 59 1.83 1.61 23.07
N TYR B 60 2.28 0.35 23.02
CA TYR B 60 2.65 -0.39 24.22
C TYR B 60 3.79 0.30 24.94
N PHE B 61 4.80 0.76 24.19
CA PHE B 61 5.92 1.43 24.84
C PHE B 61 5.59 2.85 25.31
N PHE B 62 4.57 3.49 24.72
CA PHE B 62 4.12 4.77 25.24
C PHE B 62 3.65 4.63 26.69
N PHE B 63 2.94 3.54 26.98
CA PHE B 63 2.56 3.30 28.36
C PHE B 63 3.77 3.24 29.29
N ALA B 64 4.91 2.73 28.80
CA ALA B 64 6.11 2.60 29.63
C ALA B 64 6.86 3.91 29.76
N GLY B 65 6.35 5.00 29.18
CA GLY B 65 7.03 6.26 29.22
C GLY B 65 7.94 6.53 28.05
N ASN B 66 7.90 5.71 27.02
CA ASN B 66 8.78 5.89 25.86
C ASN B 66 8.00 6.66 24.81
N SER B 67 8.36 7.93 24.63
CA SER B 67 7.73 8.80 23.64
C SER B 67 8.66 9.08 22.46
N ALA B 68 9.78 8.38 22.37
CA ALA B 68 10.79 8.62 21.35
C ALA B 68 10.54 7.83 20.07
N ILE B 69 9.59 6.90 20.08
CA ILE B 69 9.34 6.05 18.93
C ILE B 69 8.50 6.81 17.91
N THR B 70 8.92 6.80 16.64
CA THR B 70 8.20 7.51 15.59
C THR B 70 7.83 6.68 14.38
N GLY B 71 8.50 5.57 14.11
CA GLY B 71 8.20 4.80 12.93
C GLY B 71 8.46 3.33 13.17
N SER B 72 8.31 2.54 12.10
CA SER B 72 8.34 1.10 12.27
C SER B 72 9.73 0.62 12.68
N ARG B 73 10.77 1.29 12.20
CA ARG B 73 12.12 0.88 12.56
C ARG B 73 12.37 1.05 14.05
N ASP B 74 12.04 2.24 14.58
CA ASP B 74 12.17 2.50 16.01
C ASP B 74 11.37 1.48 16.82
N ALA B 75 10.11 1.26 16.42
CA ALA B 75 9.26 0.34 17.17
C ALA B 75 9.78 -1.08 17.13
N THR B 76 10.29 -1.53 15.97
CA THR B 76 10.78 -2.88 15.82
C THR B 76 12.02 -3.10 16.68
N ARG B 77 12.93 -2.11 16.71
CA ARG B 77 14.11 -2.25 17.54
C ARG B 77 13.76 -2.36 19.02
N GLU B 78 12.86 -1.49 19.49
CA GLU B 78 12.51 -1.55 20.90
C GLU B 78 11.83 -2.87 21.23
N SER B 79 10.98 -3.36 20.33
CA SER B 79 10.31 -4.63 20.57
C SER B 79 11.31 -5.77 20.70
N PHE B 80 12.27 -5.83 19.79
CA PHE B 80 13.29 -6.88 19.89
C PHE B 80 14.06 -6.78 21.20
N ASN B 81 14.55 -5.57 21.55
CA ASN B 81 15.30 -5.37 22.78
C ASN B 81 14.50 -5.68 24.04
N LYS B 82 13.17 -5.56 23.98
CA LYS B 82 12.35 -5.83 25.16
C LYS B 82 11.73 -7.22 25.13
N GLY B 83 11.97 -7.98 24.07
CA GLY B 83 11.50 -9.35 24.01
C GLY B 83 10.11 -9.58 23.44
N LEU B 84 9.49 -8.55 22.84
CA LEU B 84 8.18 -8.76 22.27
C LEU B 84 8.26 -9.57 20.98
N ILE B 85 9.41 -9.52 20.31
CA ILE B 85 9.66 -10.30 19.08
C ILE B 85 11.04 -10.97 19.22
N LYS B 86 11.17 -12.13 18.57
CA LYS B 86 12.42 -12.86 18.58
C LYS B 86 13.19 -12.77 17.28
N GLU B 87 12.49 -12.69 16.14
CA GLU B 87 13.13 -12.71 14.83
C GLU B 87 13.36 -11.28 14.37
N GLY B 88 14.45 -10.68 14.88
CA GLY B 88 14.69 -9.27 14.60
C GLY B 88 14.92 -8.99 13.13
N GLU B 89 15.71 -9.82 12.47
CA GLU B 89 15.99 -9.58 11.06
C GLU B 89 14.73 -9.72 10.21
N ILE B 90 13.87 -10.69 10.51
CA ILE B 90 12.65 -10.87 9.73
C ILE B 90 11.76 -9.64 9.86
N TRP B 91 11.59 -9.14 11.08
CA TRP B 91 10.80 -7.93 11.26
C TRP B 91 11.45 -6.73 10.59
N MET B 92 12.78 -6.67 10.54
CA MET B 92 13.38 -5.59 9.77
C MET B 92 13.18 -5.82 8.26
N GLU B 93 13.18 -7.07 7.81
CA GLU B 93 12.91 -7.35 6.40
C GLU B 93 11.52 -6.86 6.01
N MET B 94 10.56 -6.99 6.91
CA MET B 94 9.21 -6.51 6.62
C MET B 94 9.22 -5.06 6.20
N ILE B 95 10.05 -4.24 6.85
CA ILE B 95 10.13 -2.81 6.53
C ILE B 95 10.71 -2.62 5.13
N LYS B 96 11.74 -3.39 4.79
CA LYS B 96 12.22 -3.38 3.41
C LYS B 96 11.13 -3.73 2.42
N SER B 97 10.32 -4.75 2.73
CA SER B 97 9.20 -5.14 1.88
C SER B 97 8.19 -4.01 1.75
N ARG B 98 7.89 -3.30 2.86
CA ARG B 98 7.01 -2.14 2.82
C ARG B 98 7.54 -1.07 1.87
N ASN B 99 8.85 -0.84 1.89
CA ASN B 99 9.49 0.19 1.08
C ASN B 99 9.56 -0.20 -0.39
N GLN B 100 9.25 -1.46 -0.73
CA GLN B 100 9.18 -1.94 -2.11
C GLN B 100 7.79 -1.87 -2.72
N THR B 101 6.81 -1.32 -1.97
CA THR B 101 5.41 -1.41 -2.35
C THR B 101 5.17 -0.77 -3.70
N SER B 102 5.86 0.34 -3.99
CA SER B 102 5.57 1.09 -5.21
C SER B 102 6.05 0.35 -6.46
N HIS B 103 6.84 -0.71 -6.27
CA HIS B 103 7.48 -1.41 -7.37
C HIS B 103 6.90 -2.79 -7.63
N THR B 104 5.74 -3.11 -7.05
CA THR B 104 5.23 -4.45 -7.17
C THR B 104 4.56 -4.73 -8.51
N TYR B 105 4.53 -3.75 -9.42
CA TYR B 105 4.12 -4.04 -10.79
C TYR B 105 5.20 -4.82 -11.54
N ASN B 106 6.41 -4.91 -10.99
CA ASN B 106 7.39 -5.86 -11.48
C ASN B 106 7.13 -7.20 -10.82
N GLN B 107 6.85 -8.23 -11.62
CA GLN B 107 6.53 -9.54 -11.03
C GLN B 107 7.63 -10.06 -10.11
N SER B 108 8.89 -9.77 -10.41
CA SER B 108 9.97 -10.26 -9.55
C SER B 108 9.85 -9.68 -8.14
N VAL B 109 9.45 -8.43 -8.05
CA VAL B 109 9.29 -7.77 -6.76
C VAL B 109 8.09 -8.33 -6.02
N ALA B 110 6.96 -8.45 -6.71
CA ALA B 110 5.77 -8.99 -6.07
C ALA B 110 6.06 -10.41 -5.58
N ASP B 111 6.64 -11.24 -6.43
CA ASP B 111 6.89 -12.63 -6.05
C ASP B 111 7.81 -12.71 -4.82
N GLU B 112 8.83 -11.85 -4.74
CA GLU B 112 9.72 -11.89 -3.57
C GLU B 112 8.96 -11.55 -2.29
N ILE B 113 8.13 -10.50 -2.33
CA ILE B 113 7.42 -10.10 -1.12
C ILE B 113 6.44 -11.20 -0.73
N VAL B 114 5.77 -11.82 -1.72
CA VAL B 114 4.82 -12.90 -1.43
C VAL B 114 5.51 -14.10 -0.76
N LYS B 115 6.67 -14.50 -1.28
CA LYS B 115 7.38 -15.61 -0.66
C LYS B 115 7.73 -15.32 0.79
N ASN B 116 8.15 -14.08 1.07
CA ASN B 116 8.48 -13.73 2.44
C ASN B 116 7.24 -13.72 3.33
N ILE B 117 6.11 -13.21 2.79
CA ILE B 117 4.86 -13.20 3.58
C ILE B 117 4.50 -14.64 3.97
N ILE B 118 4.53 -15.55 2.99
CA ILE B 118 4.03 -16.90 3.22
C ILE B 118 4.98 -17.70 4.08
N ASN B 119 6.30 -17.56 3.83
CA ASN B 119 7.27 -18.42 4.47
C ASN B 119 7.77 -17.89 5.80
N PHE B 120 7.64 -16.60 6.06
CA PHE B 120 8.17 -16.03 7.29
C PHE B 120 7.22 -15.05 8.01
N TYR B 121 6.67 -14.07 7.30
CA TYR B 121 6.02 -12.97 8.03
C TYR B 121 4.75 -13.43 8.75
N HIS B 122 3.96 -14.30 8.11
CA HIS B 122 2.73 -14.72 8.74
C HIS B 122 3.00 -15.39 10.07
N THR B 123 3.98 -16.30 10.11
CA THR B 123 4.39 -16.94 11.37
C THR B 123 4.78 -15.92 12.43
N SER B 124 5.58 -14.92 12.04
CA SER B 124 5.98 -13.89 12.99
C SER B 124 4.80 -13.05 13.46
N PHE B 125 3.87 -12.71 12.56
CA PHE B 125 2.67 -11.99 12.98
C PHE B 125 1.89 -12.78 14.03
N GLN B 126 1.71 -14.08 13.82
CA GLN B 126 0.97 -14.90 14.77
C GLN B 126 1.68 -14.96 16.12
N ALA B 127 3.00 -15.07 16.11
CA ALA B 127 3.74 -15.09 17.37
C ALA B 127 3.58 -13.77 18.12
N PHE B 128 3.58 -12.65 17.41
CA PHE B 128 3.43 -11.36 18.06
C PHE B 128 2.02 -11.19 18.63
N LEU B 129 1.01 -11.66 17.90
CA LEU B 129 -0.33 -11.65 18.44
C LEU B 129 -0.42 -12.40 19.76
N GLU B 130 0.11 -13.63 19.79
CA GLU B 130 0.05 -14.43 21.01
C GLU B 130 0.83 -13.79 22.14
N LYS B 131 1.99 -13.22 21.83
CA LYS B 131 2.78 -12.53 22.85
C LYS B 131 1.99 -11.39 23.48
N MET B 132 1.40 -10.53 22.65
CA MET B 132 0.70 -9.36 23.19
C MET B 132 -0.61 -9.75 23.87
N GLN B 133 -1.30 -10.78 23.36
CA GLN B 133 -2.52 -11.23 24.01
C GLN B 133 -2.22 -11.71 25.42
N GLY B 134 -1.06 -12.33 25.63
CA GLY B 134 -0.67 -12.72 26.98
C GLY B 134 -0.41 -11.52 27.88
N LEU B 135 0.28 -10.50 27.35
CA LEU B 135 0.60 -9.33 28.15
C LEU B 135 -0.66 -8.57 28.55
N LYS B 136 -1.67 -8.56 27.67
CA LYS B 136 -2.90 -7.85 27.99
C LYS B 136 -3.60 -8.48 29.18
N GLU B 137 -3.58 -9.81 29.28
CA GLU B 137 -4.22 -10.47 30.41
C GLU B 137 -3.58 -10.06 31.73
N HIS B 138 -2.26 -9.91 31.74
CA HIS B 138 -1.53 -9.54 32.95
C HIS B 138 -1.94 -8.16 33.43
#